data_1HGT
#
_entry.id   1HGT
#
_cell.length_a   70.800
_cell.length_b   71.800
_cell.length_c   72.600
_cell.angle_alpha   90.00
_cell.angle_beta   100.90
_cell.angle_gamma   90.00
#
_symmetry.space_group_name_H-M   'C 1 2 1'
#
loop_
_entity.id
_entity.type
_entity.pdbx_description
1 polymer 'ALPHA-THROMBIN (SMALL SUBUNIT)'
2 polymer 'ALPHA-THROMBIN (LARGE SUBUNIT)'
3 polymer HIRUGEN
4 water water
#
loop_
_entity_poly.entity_id
_entity_poly.type
_entity_poly.pdbx_seq_one_letter_code
_entity_poly.pdbx_strand_id
1 'polypeptide(L)' TFGSGEADCGLRPLFEKKSLEDKTERELLESYIDGR L
2 'polypeptide(L)'
;IVEGSDAEIGMSPWQVMLFRKSPQELLCGASLISDRWVLTAAHCLLYPPWDKNFTENDLLVRIGKHSRTRYERNIEKISM
LEKIYIHPRYNWRENLDRDIALMKLKKPVAFSDYIHPVCLPDRETAASLLQAGYKGRVTGWGNLKETWTANVGKGQPSVL
QVVNLPIVERPVCKDSTRIRITDNMFCAGYKPDEGKRGDACEGDSGGPFVMKSPFNNRWYQMGIVSWGEGCDRDGKYGFY
THVFRLKKWIQKVIDQFGE
;
H
3 'polypeptide(L)' NEDFEEIPEE(TYS)L I
#
# COMPACT_ATOMS: atom_id res chain seq x y z
N THR A 1 8.56 13.19 1.24
CA THR A 1 9.32 12.09 0.60
C THR A 1 9.58 10.97 1.62
N PHE A 2 10.04 11.40 2.77
CA PHE A 2 10.53 10.66 3.90
C PHE A 2 9.95 11.10 5.25
N GLY A 3 10.91 11.55 6.04
CA GLY A 3 10.81 12.02 7.41
C GLY A 3 9.40 12.56 7.69
N SER A 4 8.53 11.66 8.12
CA SER A 4 7.12 11.89 8.38
C SER A 4 6.45 12.47 7.09
N GLY A 5 6.87 11.87 5.97
CA GLY A 5 6.57 12.02 4.61
C GLY A 5 7.06 13.19 3.79
N GLU A 6 6.14 13.60 2.91
CA GLU A 6 6.25 14.67 1.94
C GLU A 6 6.19 16.09 2.41
N ALA A 7 5.10 16.77 2.71
CA ALA A 7 5.08 18.20 3.13
C ALA A 7 3.63 18.63 3.47
N ASP A 8 2.78 18.39 2.47
CA ASP A 8 1.36 18.48 2.47
C ASP A 8 0.81 17.00 2.53
N CYS A 9 1.84 16.17 2.75
CA CYS A 9 1.68 14.74 2.81
C CYS A 9 0.48 14.42 3.68
N GLY A 10 -0.19 13.40 3.19
CA GLY A 10 -1.33 12.79 3.79
C GLY A 10 -2.51 13.69 4.04
N LEU A 11 -2.53 14.89 3.39
CA LEU A 11 -3.67 15.81 3.48
C LEU A 11 -4.42 15.73 2.15
N ARG A 12 -5.51 14.95 2.16
CA ARG A 12 -6.30 14.79 0.91
C ARG A 12 -7.09 16.01 0.46
N PRO A 13 -6.85 16.33 -0.84
CA PRO A 13 -7.56 17.46 -1.51
C PRO A 13 -9.07 17.33 -1.39
N LEU A 14 -9.67 16.17 -1.54
CA LEU A 14 -11.14 16.06 -1.43
C LEU A 14 -11.62 15.81 -0.03
N PHE A 15 -10.73 15.62 0.92
CA PHE A 15 -11.25 15.31 2.28
C PHE A 15 -10.70 16.29 3.28
N GLU A 16 -9.54 15.98 3.85
CA GLU A 16 -8.92 16.82 4.85
C GLU A 16 -8.96 18.28 4.38
N LYS A 17 -8.51 18.52 3.20
CA LYS A 17 -8.46 19.86 2.59
C LYS A 17 -9.75 20.64 2.48
N LYS A 18 -10.91 20.02 2.43
CA LYS A 18 -12.21 20.73 2.34
C LYS A 18 -13.02 20.48 3.61
N SER A 19 -12.31 19.75 4.48
CA SER A 19 -12.84 19.36 5.80
C SER A 19 -13.98 18.36 5.69
N LEU A 20 -13.89 17.53 4.62
CA LEU A 20 -14.81 16.43 4.37
C LEU A 20 -14.06 15.16 4.92
N GLU A 21 -14.80 14.27 5.50
CA GLU A 21 -14.62 13.00 6.13
C GLU A 21 -15.13 11.87 5.23
N ASP A 22 -14.31 10.90 4.91
CA ASP A 22 -14.79 9.76 4.09
C ASP A 22 -15.68 8.90 5.01
N LYS A 23 -16.41 8.06 4.31
CA LYS A 23 -17.42 7.19 4.90
C LYS A 23 -16.98 6.24 5.96
N THR A 24 -15.72 5.92 6.13
CA THR A 24 -15.41 4.96 7.23
C THR A 24 -14.24 5.44 8.07
N GLU A 25 -13.65 6.55 7.71
CA GLU A 25 -12.53 7.08 8.51
C GLU A 25 -12.87 6.92 10.04
N ARG A 26 -14.09 7.30 10.40
CA ARG A 26 -14.52 7.25 11.82
C ARG A 26 -14.23 5.90 12.50
N GLU A 27 -14.39 4.82 11.79
CA GLU A 27 -14.06 3.49 12.36
C GLU A 27 -12.61 3.47 12.77
N LEU A 28 -11.70 4.06 11.98
CA LEU A 28 -10.26 4.11 12.31
C LEU A 28 -10.03 4.91 13.62
N LEU A 29 -10.47 6.13 13.61
CA LEU A 29 -10.33 7.07 14.73
C LEU A 29 -10.97 6.48 15.98
N GLU A 30 -12.12 5.85 15.82
CA GLU A 30 -12.76 5.22 16.96
C GLU A 30 -11.98 4.03 17.49
N SER A 31 -10.95 3.55 16.82
CA SER A 31 -10.14 2.40 17.34
C SER A 31 -8.91 2.94 18.08
N TYR A 32 -8.66 4.20 17.85
CA TYR A 32 -7.52 4.90 18.48
C TYR A 32 -8.13 5.58 19.71
N ILE A 33 -9.30 5.06 20.05
CA ILE A 33 -9.98 5.60 21.29
C ILE A 33 -10.43 7.02 21.01
N ASP A 34 -10.95 7.11 19.81
CA ASP A 34 -11.47 8.26 19.12
C ASP A 34 -10.32 9.21 18.83
N GLY A 35 -10.29 9.71 17.60
CA GLY A 35 -9.19 10.66 17.28
C GLY A 35 -9.01 11.79 18.29
N ARG A 36 -8.68 12.93 17.66
CA ARG A 36 -8.41 14.19 18.31
C ARG A 36 -9.69 14.90 18.76
N ILE B 1 -8.81 -7.15 -2.57
CA ILE B 1 -9.50 -6.96 -1.30
C ILE B 1 -10.76 -7.88 -1.21
N VAL B 2 -10.71 -8.70 -0.17
CA VAL B 2 -11.80 -9.62 0.20
C VAL B 2 -12.65 -8.98 1.28
N GLU B 3 -13.94 -8.75 1.11
CA GLU B 3 -14.87 -8.09 2.01
C GLU B 3 -14.65 -6.61 2.29
N GLY B 4 -14.23 -5.87 1.25
CA GLY B 4 -13.98 -4.43 1.32
C GLY B 4 -15.19 -3.75 0.61
N SER B 5 -15.02 -2.48 0.29
CA SER B 5 -16.03 -1.67 -0.38
C SER B 5 -15.25 -0.84 -1.40
N ASP B 6 -16.03 -0.28 -2.29
CA ASP B 6 -15.47 0.58 -3.34
C ASP B 6 -14.92 1.83 -2.57
N ALA B 7 -13.83 2.29 -3.06
CA ALA B 7 -13.19 3.49 -2.57
C ALA B 7 -14.03 4.66 -3.13
N GLU B 8 -14.04 5.72 -2.33
CA GLU B 8 -14.69 6.97 -2.80
C GLU B 8 -13.61 7.64 -3.68
N ILE B 9 -14.08 8.54 -4.55
CA ILE B 9 -13.12 9.23 -5.41
C ILE B 9 -12.17 10.06 -4.50
N GLY B 10 -10.89 10.00 -4.76
CA GLY B 10 -9.87 10.73 -4.00
C GLY B 10 -9.71 10.32 -2.58
N MET B 11 -10.21 9.15 -2.19
CA MET B 11 -10.11 8.61 -0.80
C MET B 11 -8.67 8.15 -0.53
N SER B 12 -8.02 7.70 -1.58
CA SER B 12 -6.59 7.14 -1.44
C SER B 12 -5.76 7.65 -2.58
N PRO B 13 -5.45 8.92 -2.46
CA PRO B 13 -4.78 9.62 -3.54
C PRO B 13 -3.37 9.19 -3.78
N TRP B 14 -2.77 8.47 -2.85
CA TRP B 14 -1.37 8.02 -2.99
C TRP B 14 -1.38 6.64 -3.64
N GLN B 15 -2.58 6.12 -3.86
CA GLN B 15 -2.66 4.73 -4.39
C GLN B 15 -2.05 4.63 -5.78
N VAL B 16 -1.23 3.57 -5.94
CA VAL B 16 -0.59 3.44 -7.25
C VAL B 16 -0.82 2.03 -7.84
N MET B 17 -0.82 2.04 -9.17
CA MET B 17 -0.97 0.73 -9.87
C MET B 17 0.39 0.47 -10.57
N LEU B 18 0.89 -0.69 -10.30
CA LEU B 18 2.10 -1.27 -10.90
C LEU B 18 1.51 -2.08 -12.09
N PHE B 19 1.85 -1.57 -13.26
CA PHE B 19 1.31 -2.10 -14.50
C PHE B 19 2.33 -2.45 -15.58
N ARG B 20 2.08 -3.69 -15.97
CA ARG B 20 2.72 -4.48 -16.98
C ARG B 20 2.34 -4.01 -18.41
N LYS B 21 3.44 -3.53 -19.01
CA LYS B 21 3.42 -3.06 -20.41
C LYS B 21 2.96 -4.28 -21.23
N SER B 22 3.69 -5.38 -21.28
CA SER B 22 3.16 -6.53 -22.05
C SER B 22 3.55 -7.89 -21.47
N PRO B 23 2.58 -8.77 -21.25
CA PRO B 23 1.14 -8.53 -21.44
C PRO B 23 0.75 -7.29 -20.60
N GLN B 24 -0.32 -6.61 -20.95
CA GLN B 24 -0.72 -5.35 -20.25
C GLN B 24 -1.44 -5.75 -18.97
N GLU B 25 -0.73 -5.71 -17.83
CA GLU B 25 -1.53 -6.14 -16.63
C GLU B 25 -1.06 -5.62 -15.30
N LEU B 26 -2.01 -5.77 -14.40
CA LEU B 26 -1.91 -5.32 -13.03
C LEU B 26 -1.00 -6.31 -12.31
N LEU B 27 0.12 -5.71 -11.89
CA LEU B 27 1.03 -6.65 -11.15
C LEU B 27 0.91 -6.43 -9.66
N CYS B 28 0.71 -5.23 -9.21
CA CYS B 28 0.63 -4.92 -7.76
C CYS B 28 0.19 -3.49 -7.48
N GLY B 29 -0.11 -3.25 -6.19
CA GLY B 29 -0.43 -1.88 -5.70
C GLY B 29 0.96 -1.26 -5.37
N ALA B 30 1.00 -0.03 -4.95
CA ALA B 30 2.24 0.72 -4.62
C ALA B 30 1.70 2.07 -4.10
N SER B 31 2.61 2.97 -3.76
CA SER B 31 2.13 4.26 -3.25
C SER B 31 3.13 5.39 -3.46
N LEU B 32 2.61 6.58 -3.58
CA LEU B 32 3.35 7.84 -3.79
C LEU B 32 3.64 8.52 -2.44
N ILE B 33 4.93 8.69 -2.16
CA ILE B 33 5.45 9.32 -0.94
C ILE B 33 6.11 10.65 -1.29
N SER B 34 6.17 10.88 -2.59
CA SER B 34 6.74 12.19 -3.07
C SER B 34 6.37 12.28 -4.54
N ASP B 35 6.70 13.37 -5.21
CA ASP B 35 6.34 13.54 -6.65
C ASP B 35 7.19 12.74 -7.63
N ARG B 36 8.20 12.05 -7.12
CA ARG B 36 9.07 11.20 -7.90
C ARG B 36 9.39 9.84 -7.35
N TRP B 37 8.82 9.52 -6.21
CA TRP B 37 9.09 8.25 -5.47
C TRP B 37 7.86 7.42 -5.18
N VAL B 38 7.99 6.11 -5.47
CA VAL B 38 6.88 5.22 -5.20
C VAL B 38 7.40 4.09 -4.29
N LEU B 39 6.58 3.73 -3.32
CA LEU B 39 6.84 2.65 -2.38
C LEU B 39 5.98 1.41 -2.77
N THR B 40 6.67 0.30 -2.87
CA THR B 40 6.03 -1.00 -3.18
C THR B 40 6.77 -2.12 -2.39
N ALA B 41 6.29 -3.34 -2.60
CA ALA B 41 6.92 -4.54 -2.05
C ALA B 41 7.99 -5.04 -3.03
N ALA B 42 9.15 -5.41 -2.50
CA ALA B 42 10.20 -5.98 -3.43
C ALA B 42 9.66 -7.24 -4.11
N HIS B 43 8.75 -8.01 -3.50
CA HIS B 43 8.30 -9.26 -4.12
C HIS B 43 7.54 -9.05 -5.43
N CYS B 44 6.96 -7.87 -5.59
CA CYS B 44 6.25 -7.54 -6.85
C CYS B 44 7.25 -7.40 -7.99
N LEU B 45 8.52 -7.10 -7.62
CA LEU B 45 9.56 -6.91 -8.64
C LEU B 45 10.41 -8.15 -8.84
N LEU B 46 10.87 -8.69 -7.71
CA LEU B 46 11.74 -9.83 -7.66
C LEU B 46 11.23 -11.05 -6.93
N TYR B 47 11.04 -12.14 -7.71
CA TYR B 47 10.61 -13.41 -7.14
C TYR B 47 11.18 -14.61 -7.93
N PRO B 48 12.45 -14.90 -7.62
CA PRO B 48 13.22 -15.95 -8.28
C PRO B 48 12.51 -17.28 -8.42
N PRO B 49 11.88 -17.72 -7.35
CA PRO B 49 11.17 -18.97 -7.39
C PRO B 49 10.12 -18.90 -8.50
N TRP B 50 9.48 -17.74 -8.62
CA TRP B 50 8.46 -17.61 -9.68
C TRP B 50 9.14 -17.05 -10.91
N ASP B 51 10.46 -17.09 -10.87
CA ASP B 51 11.14 -16.52 -12.05
C ASP B 51 10.72 -15.06 -12.32
N LYS B 52 10.26 -14.39 -11.29
CA LYS B 52 9.84 -12.99 -11.50
C LYS B 52 11.01 -12.07 -11.22
N ASN B 53 11.26 -11.22 -12.22
CA ASN B 53 12.35 -10.25 -12.14
C ASN B 53 12.08 -9.09 -13.08
N PHE B 54 11.22 -8.20 -12.62
CA PHE B 54 10.85 -7.02 -13.44
C PHE B 54 11.98 -6.02 -13.39
N THR B 55 12.15 -5.50 -14.59
CA THR B 55 13.18 -4.47 -14.86
C THR B 55 12.39 -3.15 -15.03
N GLU B 56 13.09 -2.10 -14.79
CA GLU B 56 12.54 -0.73 -14.94
C GLU B 56 11.76 -0.58 -16.22
N ASN B 57 12.11 -1.36 -17.21
CA ASN B 57 11.63 -1.46 -18.54
C ASN B 57 10.27 -2.09 -18.85
N ASP B 58 10.07 -3.12 -18.09
CA ASP B 58 8.95 -4.01 -18.16
C ASP B 58 7.65 -3.43 -17.62
N LEU B 59 7.81 -2.30 -17.00
CA LEU B 59 6.77 -1.61 -16.30
C LEU B 59 6.30 -0.19 -16.47
N LEU B 60 5.07 -0.07 -16.00
CA LEU B 60 4.48 1.29 -15.95
C LEU B 60 3.80 1.52 -14.60
N VAL B 61 3.80 2.78 -14.21
CA VAL B 61 3.15 3.30 -12.98
C VAL B 61 1.95 4.17 -13.37
N ARG B 62 0.79 3.86 -12.87
CA ARG B 62 -0.45 4.52 -13.05
C ARG B 62 -1.02 5.08 -11.72
N ILE B 63 -0.98 6.41 -11.66
CA ILE B 63 -1.39 7.25 -10.54
C ILE B 63 -2.63 8.04 -10.78
N GLY B 64 -3.53 8.06 -9.79
CA GLY B 64 -4.79 8.87 -9.93
C GLY B 64 -6.01 8.07 -10.31
N LYS B 65 -5.82 6.76 -10.45
CA LYS B 65 -6.86 5.83 -10.83
C LYS B 65 -7.90 5.51 -9.76
N HIS B 66 -9.09 5.31 -10.30
CA HIS B 66 -10.28 4.90 -9.60
C HIS B 66 -10.67 3.49 -10.13
N SER B 67 -10.74 3.43 -11.45
CA SER B 67 -11.08 2.24 -12.24
C SER B 67 -9.82 1.38 -12.40
N ARG B 68 -10.06 0.09 -12.25
CA ARG B 68 -9.06 -0.97 -12.41
C ARG B 68 -8.53 -1.07 -13.85
N THR B 69 -9.48 -1.19 -14.75
CA THR B 69 -9.37 -1.44 -16.17
C THR B 69 -9.29 -0.36 -17.21
N ARG B 70 -10.13 0.67 -17.02
CA ARG B 70 -10.10 1.76 -18.04
C ARG B 70 -8.98 2.72 -17.82
N TYR B 71 -8.59 3.31 -18.95
CA TYR B 71 -7.53 4.34 -19.03
C TYR B 71 -8.32 5.63 -18.74
N GLU B 72 -8.07 6.17 -17.59
CA GLU B 72 -8.80 7.32 -16.99
C GLU B 72 -8.29 8.64 -17.47
N ARG B 73 -8.77 8.84 -18.68
CA ARG B 73 -8.51 9.85 -19.62
C ARG B 73 -7.88 11.11 -19.10
N ASN B 74 -8.49 11.97 -18.34
CA ASN B 74 -7.67 13.19 -17.99
C ASN B 74 -7.40 13.26 -16.49
N ILE B 75 -7.60 12.19 -15.78
CA ILE B 75 -7.46 12.14 -14.29
C ILE B 75 -6.18 11.39 -13.90
N GLU B 76 -5.96 10.22 -14.50
CA GLU B 76 -4.77 9.40 -14.26
C GLU B 76 -3.57 9.88 -15.08
N LYS B 77 -2.41 9.72 -14.47
CA LYS B 77 -1.06 10.04 -14.99
C LYS B 77 -0.29 8.71 -14.98
N ILE B 78 0.29 8.39 -16.11
CA ILE B 78 0.99 7.10 -16.21
C ILE B 78 2.47 7.40 -16.30
N SER B 79 3.31 6.89 -15.45
CA SER B 79 4.75 7.17 -15.59
C SER B 79 5.51 5.86 -15.89
N MET B 80 6.72 6.18 -16.29
CA MET B 80 7.82 5.29 -16.63
C MET B 80 8.82 5.52 -15.49
N LEU B 81 9.38 4.39 -15.09
CA LEU B 81 10.36 4.43 -14.02
C LEU B 81 11.75 4.63 -14.64
N GLU B 82 12.44 5.47 -13.94
CA GLU B 82 13.81 5.83 -14.13
C GLU B 82 14.65 4.72 -13.46
N LYS B 83 14.33 4.50 -12.17
CA LYS B 83 15.11 3.50 -11.44
C LYS B 83 14.42 2.69 -10.38
N ILE B 84 14.93 1.47 -10.21
CA ILE B 84 14.41 0.56 -9.16
C ILE B 84 15.51 0.22 -8.16
N TYR B 85 15.10 0.28 -6.88
CA TYR B 85 15.96 -0.06 -5.75
C TYR B 85 15.20 -1.04 -4.86
N ILE B 86 15.79 -2.19 -4.67
CA ILE B 86 15.26 -3.25 -3.79
C ILE B 86 16.11 -3.25 -2.52
N HIS B 87 15.50 -3.57 -1.42
CA HIS B 87 16.23 -3.62 -0.13
C HIS B 87 17.33 -4.67 -0.24
N PRO B 88 18.56 -4.27 0.05
CA PRO B 88 19.71 -5.14 -0.03
C PRO B 88 19.48 -6.45 0.70
N ARG B 89 18.80 -6.47 1.86
CA ARG B 89 18.56 -7.71 2.56
C ARG B 89 17.14 -8.25 2.58
N TYR B 90 16.43 -8.03 1.52
CA TYR B 90 15.07 -8.55 1.27
C TYR B 90 15.23 -10.09 1.22
N ASN B 91 14.48 -10.86 2.00
CA ASN B 91 14.65 -12.32 2.02
C ASN B 91 13.59 -13.08 1.24
N TRP B 92 13.85 -13.16 -0.07
CA TRP B 92 12.85 -13.91 -0.90
C TRP B 92 12.98 -15.40 -0.58
N ARG B 93 14.15 -15.76 -0.09
CA ARG B 93 14.55 -17.12 0.18
C ARG B 93 13.74 -17.77 1.31
N GLU B 94 13.52 -16.98 2.37
CA GLU B 94 12.75 -17.60 3.41
C GLU B 94 11.39 -17.07 3.77
N ASN B 95 11.30 -15.81 4.23
CA ASN B 95 10.00 -15.26 4.71
C ASN B 95 9.63 -13.89 4.15
N LEU B 96 10.39 -13.42 3.17
CA LEU B 96 10.19 -12.11 2.55
C LEU B 96 10.46 -10.95 3.55
N ASP B 97 11.43 -11.17 4.41
CA ASP B 97 11.82 -10.14 5.43
C ASP B 97 12.38 -8.99 4.54
N ARG B 98 12.02 -7.78 4.94
CA ARG B 98 12.46 -6.57 4.09
C ARG B 98 11.83 -6.60 2.73
N ASP B 99 10.50 -6.80 2.73
CA ASP B 99 9.73 -6.86 1.45
C ASP B 99 9.42 -5.39 1.10
N ILE B 100 10.44 -4.75 0.56
CA ILE B 100 10.33 -3.32 0.24
C ILE B 100 11.26 -2.98 -0.94
N ALA B 101 10.81 -2.02 -1.76
CA ALA B 101 11.41 -1.50 -2.96
C ALA B 101 10.86 -0.07 -3.15
N LEU B 102 11.73 0.76 -3.66
CA LEU B 102 11.53 2.13 -4.06
C LEU B 102 11.70 2.14 -5.62
N MET B 103 10.93 3.03 -6.16
CA MET B 103 10.89 3.30 -7.59
C MET B 103 10.99 4.84 -7.76
N LYS B 104 11.94 5.18 -8.62
CA LYS B 104 12.16 6.63 -8.90
C LYS B 104 11.57 6.76 -10.32
N LEU B 105 10.66 7.74 -10.34
CA LEU B 105 9.89 8.04 -11.54
C LEU B 105 10.79 8.79 -12.52
N LYS B 106 10.57 8.56 -13.81
CA LYS B 106 11.38 9.23 -14.81
C LYS B 106 11.24 10.75 -14.79
N LYS B 107 10.11 11.25 -14.34
CA LYS B 107 9.71 12.64 -14.17
C LYS B 107 8.63 12.73 -13.05
N PRO B 108 8.73 13.82 -12.34
CA PRO B 108 7.89 14.13 -11.23
C PRO B 108 6.43 14.24 -11.67
N VAL B 109 5.58 13.71 -10.85
CA VAL B 109 4.13 13.71 -11.03
C VAL B 109 3.69 15.06 -10.39
N ALA B 110 2.61 15.54 -10.96
CA ALA B 110 1.98 16.79 -10.42
C ALA B 110 0.70 16.25 -9.72
N PHE B 111 0.59 16.86 -8.56
CA PHE B 111 -0.49 16.62 -7.57
C PHE B 111 -1.73 17.25 -8.19
N SER B 112 -2.83 16.76 -7.68
CA SER B 112 -4.16 17.23 -8.20
C SER B 112 -5.13 16.62 -7.19
N ASP B 113 -6.40 16.68 -7.44
CA ASP B 113 -7.37 16.16 -6.50
C ASP B 113 -7.29 14.62 -6.33
N TYR B 114 -6.70 13.95 -7.35
CA TYR B 114 -6.68 12.49 -7.28
C TYR B 114 -5.33 11.85 -7.04
N ILE B 115 -4.35 12.72 -6.94
CA ILE B 115 -2.92 12.42 -6.81
C ILE B 115 -2.22 13.32 -5.76
N HIS B 116 -1.94 12.59 -4.68
CA HIS B 116 -1.35 13.23 -3.49
C HIS B 116 -0.60 12.22 -2.64
N PRO B 117 0.63 12.57 -2.25
CA PRO B 117 1.48 11.69 -1.44
C PRO B 117 0.93 11.46 -0.02
N VAL B 118 1.27 10.26 0.42
CA VAL B 118 0.98 9.82 1.79
C VAL B 118 2.25 10.20 2.59
N CYS B 119 2.18 10.34 3.89
CA CYS B 119 3.37 10.62 4.71
C CYS B 119 4.02 9.32 5.23
N LEU B 120 5.30 9.46 5.42
CA LEU B 120 6.10 8.41 6.06
C LEU B 120 6.06 8.76 7.57
N PRO B 121 5.94 7.66 8.34
CA PRO B 121 5.80 7.77 9.76
C PRO B 121 7.14 8.18 10.42
N ASP B 122 6.98 9.07 11.41
CA ASP B 122 8.21 9.40 12.20
C ASP B 122 8.13 8.38 13.37
N ARG B 123 9.27 8.15 14.01
CA ARG B 123 9.34 7.20 15.11
C ARG B 123 8.24 7.32 16.16
N GLU B 124 7.75 8.49 16.46
CA GLU B 124 6.68 8.69 17.43
C GLU B 124 5.31 8.36 16.90
N THR B 125 5.11 8.65 15.60
CA THR B 125 3.78 8.35 14.95
C THR B 125 3.58 6.85 15.11
N ALA B 126 4.58 6.12 14.70
CA ALA B 126 4.75 4.68 14.75
C ALA B 126 4.46 4.13 16.15
N ALA B 127 5.04 4.81 17.14
CA ALA B 127 4.87 4.38 18.53
C ALA B 127 3.44 4.57 18.99
N SER B 128 2.88 5.79 18.78
CA SER B 128 1.53 5.98 19.26
C SER B 128 0.50 5.13 18.53
N LEU B 129 0.65 4.92 17.22
CA LEU B 129 -0.39 4.20 16.51
C LEU B 129 -0.28 2.70 16.29
N LEU B 130 0.91 2.21 16.13
CA LEU B 130 1.06 0.77 15.82
C LEU B 130 0.80 -0.06 17.05
N GLN B 131 -0.49 -0.23 17.27
CA GLN B 131 -1.00 -0.99 18.44
C GLN B 131 -2.12 -1.92 18.02
N ALA B 132 -2.09 -3.06 18.68
CA ALA B 132 -3.01 -4.19 18.50
C ALA B 132 -4.39 -3.60 18.74
N GLY B 133 -5.31 -3.83 17.84
CA GLY B 133 -6.66 -3.24 18.06
C GLY B 133 -6.79 -1.99 17.21
N TYR B 134 -5.70 -1.21 17.11
CA TYR B 134 -5.84 -0.01 16.25
C TYR B 134 -6.03 -0.49 14.80
N LYS B 135 -6.95 0.22 14.18
CA LYS B 135 -7.34 -0.03 12.80
C LYS B 135 -6.54 0.87 11.83
N GLY B 136 -6.14 0.23 10.78
CA GLY B 136 -5.44 0.78 9.62
C GLY B 136 -6.34 0.41 8.41
N ARG B 137 -5.96 0.89 7.24
CA ARG B 137 -6.72 0.69 6.00
C ARG B 137 -5.91 0.17 4.87
N VAL B 138 -6.46 -0.80 4.13
CA VAL B 138 -5.74 -1.34 2.97
C VAL B 138 -6.49 -1.04 1.65
N THR B 139 -5.73 -0.70 0.60
CA THR B 139 -6.47 -0.48 -0.66
C THR B 139 -5.81 -1.25 -1.79
N GLY B 140 -6.65 -1.63 -2.73
CA GLY B 140 -6.15 -2.33 -3.89
C GLY B 140 -7.27 -2.68 -4.88
N TRP B 141 -6.76 -3.10 -6.01
CA TRP B 141 -7.51 -3.57 -7.16
C TRP B 141 -7.35 -5.09 -7.25
N GLY B 142 -6.91 -5.73 -6.18
CA GLY B 142 -6.72 -7.16 -6.13
C GLY B 142 -8.06 -7.92 -6.05
N ASN B 143 -7.79 -9.20 -5.99
CA ASN B 143 -8.76 -10.29 -5.93
C ASN B 143 -9.77 -9.95 -4.85
N LEU B 144 -11.02 -10.33 -5.14
CA LEU B 144 -12.16 -10.18 -4.22
C LEU B 144 -12.43 -11.52 -3.55
N LYS B 145 -11.88 -12.54 -4.18
CA LYS B 145 -12.01 -13.93 -3.75
C LYS B 145 -10.62 -14.57 -3.74
N GLU B 146 -10.39 -15.27 -2.63
CA GLU B 146 -9.11 -16.00 -2.47
C GLU B 146 -8.94 -16.67 -3.86
N THR B 147 -10.13 -17.19 -4.20
CA THR B 147 -10.55 -17.85 -5.37
C THR B 147 -12.09 -18.07 -5.43
N TRP B 148 -12.46 -18.07 -6.67
CA TRP B 148 -13.70 -18.31 -7.33
C TRP B 148 -13.22 -19.28 -8.49
N GLY B 155 -14.05 -12.76 -7.56
CA GLY B 155 -14.05 -11.94 -8.81
C GLY B 155 -12.99 -10.85 -8.78
N GLN B 156 -13.15 -9.86 -9.64
CA GLN B 156 -12.30 -8.69 -9.84
C GLN B 156 -13.20 -7.45 -9.77
N PRO B 157 -12.68 -6.51 -9.00
CA PRO B 157 -13.43 -5.28 -8.75
C PRO B 157 -13.33 -4.46 -10.03
N SER B 158 -14.22 -3.53 -10.23
CA SER B 158 -13.99 -2.66 -11.42
C SER B 158 -13.41 -1.34 -10.89
N VAL B 159 -13.56 -1.10 -9.63
CA VAL B 159 -13.19 0.02 -8.77
C VAL B 159 -12.33 -0.37 -7.52
N LEU B 160 -11.46 0.58 -7.16
CA LEU B 160 -10.51 0.46 -6.05
C LEU B 160 -11.33 0.07 -4.84
N GLN B 161 -10.86 -0.91 -4.10
CA GLN B 161 -11.58 -1.42 -2.89
C GLN B 161 -10.85 -0.93 -1.66
N VAL B 162 -11.55 -0.92 -0.54
CA VAL B 162 -11.01 -0.47 0.72
C VAL B 162 -11.44 -1.46 1.84
N VAL B 163 -10.64 -1.53 2.87
CA VAL B 163 -10.95 -2.33 4.06
C VAL B 163 -10.09 -1.82 5.22
N ASN B 164 -10.71 -1.68 6.36
CA ASN B 164 -10.21 -1.23 7.66
C ASN B 164 -9.87 -2.48 8.48
N LEU B 165 -8.64 -2.68 8.85
CA LEU B 165 -8.26 -3.91 9.61
C LEU B 165 -7.54 -3.58 10.92
N PRO B 166 -7.83 -4.31 11.97
CA PRO B 166 -7.17 -4.08 13.26
C PRO B 166 -5.75 -4.68 13.26
N ILE B 167 -4.84 -4.02 13.92
CA ILE B 167 -3.48 -4.58 14.07
C ILE B 167 -3.69 -5.72 15.13
N VAL B 168 -3.13 -6.85 14.85
CA VAL B 168 -3.21 -8.05 15.74
C VAL B 168 -1.89 -8.13 16.52
N GLU B 169 -1.92 -8.35 17.80
CA GLU B 169 -0.69 -8.52 18.63
C GLU B 169 0.20 -9.64 18.07
N ARG B 170 1.49 -9.47 18.17
CA ARG B 170 2.57 -10.33 17.75
C ARG B 170 2.41 -11.83 17.97
N PRO B 171 2.18 -12.28 19.22
CA PRO B 171 1.98 -13.67 19.56
C PRO B 171 0.96 -14.31 18.66
N VAL B 172 -0.21 -13.75 18.53
CA VAL B 172 -1.28 -14.24 17.61
C VAL B 172 -0.75 -14.39 16.17
N CYS B 173 -0.07 -13.32 15.70
CA CYS B 173 0.50 -13.36 14.34
C CYS B 173 1.37 -14.64 14.22
N LYS B 174 2.17 -14.83 15.26
CA LYS B 174 3.18 -15.89 15.34
C LYS B 174 2.63 -17.28 15.34
N ASP B 175 1.59 -17.43 16.13
CA ASP B 175 0.93 -18.75 16.23
C ASP B 175 0.02 -19.05 15.06
N SER B 176 -0.17 -18.06 14.18
CA SER B 176 -1.10 -18.30 13.03
C SER B 176 -0.37 -19.01 11.91
N THR B 177 0.95 -19.04 11.97
CA THR B 177 1.71 -19.62 10.85
C THR B 177 2.91 -20.44 11.28
N ARG B 178 3.52 -21.15 10.36
CA ARG B 178 4.70 -21.97 10.45
C ARG B 178 5.91 -21.09 10.04
N ILE B 179 5.56 -20.05 9.32
CA ILE B 179 6.62 -19.09 8.89
C ILE B 179 7.11 -18.31 10.11
N ARG B 180 8.36 -17.98 10.03
CA ARG B 180 9.19 -17.19 10.87
C ARG B 180 8.96 -15.68 10.67
N ILE B 181 8.27 -15.12 11.62
CA ILE B 181 7.91 -13.68 11.62
C ILE B 181 9.07 -12.85 12.12
N THR B 182 9.30 -11.69 11.53
CA THR B 182 10.43 -10.84 11.99
C THR B 182 9.89 -9.53 12.46
N ASP B 183 10.71 -8.71 13.02
CA ASP B 183 10.46 -7.37 13.53
C ASP B 183 10.14 -6.41 12.39
N ASN B 184 10.44 -6.77 11.15
CA ASN B 184 10.11 -5.96 10.00
C ASN B 184 8.72 -6.37 9.51
N MET B 185 7.99 -7.08 10.36
CA MET B 185 6.63 -7.50 9.96
C MET B 185 5.65 -7.22 11.10
N PHE B 186 4.41 -7.08 10.68
CA PHE B 186 3.26 -6.91 11.59
C PHE B 186 2.12 -7.63 10.81
N CYS B 187 1.16 -8.13 11.56
CA CYS B 187 0.02 -8.80 10.86
C CYS B 187 -1.19 -7.96 11.25
N ALA B 188 -2.15 -8.10 10.39
CA ALA B 188 -3.43 -7.38 10.51
C ALA B 188 -4.53 -8.38 10.08
N GLY B 189 -5.70 -8.22 10.68
CA GLY B 189 -6.83 -9.07 10.35
C GLY B 189 -7.71 -9.22 11.56
N TYR B 190 -8.96 -9.59 11.22
CA TYR B 190 -9.91 -9.83 12.38
C TYR B 190 -9.64 -11.25 12.87
N LYS B 191 -9.97 -11.51 14.10
CA LYS B 191 -9.89 -12.85 14.72
C LYS B 191 -11.23 -13.53 14.36
N PRO B 192 -11.20 -14.85 14.16
CA PRO B 192 -12.45 -15.57 13.80
C PRO B 192 -13.51 -15.27 14.86
N ASP B 193 -13.04 -15.01 16.08
CA ASP B 193 -13.95 -14.74 17.18
C ASP B 193 -14.76 -13.49 16.89
N GLU B 194 -14.16 -12.60 16.13
CA GLU B 194 -14.70 -11.29 15.86
C GLU B 194 -15.79 -11.08 14.86
N GLY B 195 -16.15 -12.06 14.07
CA GLY B 195 -17.23 -11.91 13.10
C GLY B 195 -17.24 -10.53 12.46
N LYS B 196 -16.19 -10.32 11.72
CA LYS B 196 -15.84 -9.14 10.90
C LYS B 196 -14.72 -9.80 10.05
N ARG B 197 -14.76 -9.62 8.78
CA ARG B 197 -13.82 -10.22 7.81
C ARG B 197 -13.17 -9.15 6.93
N GLY B 198 -12.23 -9.66 6.13
CA GLY B 198 -11.50 -8.79 5.21
C GLY B 198 -10.01 -9.09 5.14
N ASP B 199 -9.53 -8.85 3.93
CA ASP B 199 -8.08 -9.09 3.72
C ASP B 199 -7.72 -8.60 2.33
N ALA B 200 -6.43 -8.50 2.12
CA ALA B 200 -5.80 -8.12 0.86
C ALA B 200 -5.92 -9.42 0.05
N CYS B 201 -5.75 -9.34 -1.22
CA CYS B 201 -5.83 -10.63 -2.03
C CYS B 201 -4.90 -10.37 -3.19
N GLU B 202 -4.82 -11.38 -4.03
CA GLU B 202 -3.93 -11.38 -5.19
C GLU B 202 -4.12 -10.06 -5.95
N GLY B 203 -3.00 -9.35 -6.10
CA GLY B 203 -3.04 -8.12 -6.88
C GLY B 203 -3.01 -6.90 -5.94
N ASP B 204 -3.12 -7.19 -4.68
CA ASP B 204 -3.09 -6.23 -3.59
C ASP B 204 -1.69 -5.90 -3.11
N SER B 205 -0.71 -6.76 -3.23
CA SER B 205 0.66 -6.62 -2.81
C SER B 205 1.23 -5.25 -3.30
N GLY B 206 2.07 -4.76 -2.40
CA GLY B 206 2.81 -3.51 -2.62
C GLY B 206 1.96 -2.34 -2.22
N GLY B 207 0.66 -2.58 -1.96
CA GLY B 207 -0.14 -1.43 -1.58
C GLY B 207 0.07 -1.02 -0.14
N PRO B 208 -0.51 0.17 0.17
CA PRO B 208 -0.41 0.78 1.46
C PRO B 208 -1.50 0.30 2.46
N PHE B 209 -0.94 0.21 3.64
CA PHE B 209 -1.57 -0.03 4.97
C PHE B 209 -1.34 1.36 5.63
N VAL B 210 -2.44 2.13 5.64
CA VAL B 210 -2.31 3.54 6.11
C VAL B 210 -3.14 3.65 7.38
N MET B 211 -2.73 4.57 8.18
CA MET B 211 -3.37 4.99 9.43
C MET B 211 -3.55 6.51 9.43
N LYS B 212 -4.71 6.93 10.01
CA LYS B 212 -4.90 8.43 10.10
C LYS B 212 -4.47 8.95 11.49
N SER B 213 -3.50 9.86 11.50
CA SER B 213 -3.10 10.36 12.85
C SER B 213 -4.18 11.24 13.52
N PRO B 214 -4.47 10.87 14.76
CA PRO B 214 -5.46 11.59 15.52
C PRO B 214 -4.88 12.93 16.01
N PHE B 215 -3.57 13.07 16.00
CA PHE B 215 -2.82 14.23 16.47
C PHE B 215 -2.73 15.42 15.51
N ASN B 216 -2.39 15.08 14.25
CA ASN B 216 -2.27 16.13 13.21
C ASN B 216 -3.23 15.93 12.04
N ASN B 217 -4.02 14.89 12.08
CA ASN B 217 -5.02 14.44 11.15
C ASN B 217 -4.60 14.15 9.72
N ARG B 218 -3.38 13.69 9.54
CA ARG B 218 -2.68 13.27 8.39
C ARG B 218 -2.70 11.72 8.32
N TRP B 219 -2.61 11.32 7.06
CA TRP B 219 -2.58 9.87 6.75
C TRP B 219 -1.10 9.41 6.66
N TYR B 220 -0.81 8.36 7.34
CA TYR B 220 0.59 7.82 7.33
C TYR B 220 0.57 6.39 6.78
N GLN B 221 1.65 6.05 6.16
CA GLN B 221 1.73 4.67 5.61
C GLN B 221 2.58 3.82 6.57
N MET B 222 1.94 3.04 7.41
CA MET B 222 2.57 2.16 8.41
C MET B 222 3.10 0.84 7.88
N GLY B 223 2.34 0.19 6.95
CA GLY B 223 2.66 -1.09 6.39
C GLY B 223 2.62 -1.12 4.88
N ILE B 224 3.17 -2.19 4.31
CA ILE B 224 3.13 -2.50 2.88
C ILE B 224 2.55 -3.95 2.83
N VAL B 225 1.52 -4.08 2.03
CA VAL B 225 0.85 -5.38 1.76
C VAL B 225 2.00 -6.29 1.25
N SER B 226 2.20 -7.27 2.20
CA SER B 226 3.30 -8.18 1.95
C SER B 226 2.93 -9.60 1.69
N TRP B 227 2.33 -10.35 2.56
CA TRP B 227 1.99 -11.77 2.30
C TRP B 227 0.93 -12.23 3.28
N GLY B 228 0.42 -13.38 2.94
CA GLY B 228 -0.64 -14.00 3.79
C GLY B 228 -0.83 -15.41 3.21
N GLU B 229 -1.69 -16.17 3.85
CA GLU B 229 -1.96 -17.58 3.38
C GLU B 229 -3.39 -17.68 2.91
N GLY B 230 -3.53 -17.76 1.60
CA GLY B 230 -4.94 -17.73 1.07
C GLY B 230 -5.40 -16.29 1.31
N CYS B 231 -6.66 -16.00 1.24
CA CYS B 231 -7.23 -14.64 1.46
C CYS B 231 -8.42 -14.70 2.38
N ASP B 232 -8.50 -13.90 3.41
CA ASP B 232 -9.66 -13.93 4.31
C ASP B 232 -9.97 -15.30 4.90
N ARG B 233 -8.93 -16.06 5.29
CA ARG B 233 -9.12 -17.38 5.94
C ARG B 233 -9.16 -17.23 7.46
N ASP B 234 -9.96 -18.10 8.07
CA ASP B 234 -10.07 -18.08 9.54
C ASP B 234 -8.78 -18.52 10.22
N GLY B 235 -8.47 -17.76 11.27
CA GLY B 235 -7.25 -18.02 12.05
C GLY B 235 -6.05 -17.66 11.23
N LYS B 236 -6.19 -16.88 10.14
CA LYS B 236 -4.99 -16.42 9.37
C LYS B 236 -5.10 -14.88 9.28
N TYR B 237 -3.92 -14.25 9.10
CA TYR B 237 -3.82 -12.78 9.05
C TYR B 237 -2.90 -12.32 7.92
N GLY B 238 -3.06 -11.02 7.59
CA GLY B 238 -2.21 -10.41 6.52
C GLY B 238 -0.93 -9.90 7.27
N PHE B 239 0.15 -10.07 6.51
CA PHE B 239 1.50 -9.66 6.97
C PHE B 239 1.91 -8.51 6.04
N TYR B 240 2.37 -7.46 6.68
CA TYR B 240 2.76 -6.18 6.11
C TYR B 240 4.17 -5.80 6.49
N THR B 241 4.86 -5.17 5.60
CA THR B 241 6.21 -4.70 5.87
C THR B 241 6.07 -3.50 6.86
N HIS B 242 6.90 -3.61 7.86
CA HIS B 242 6.94 -2.54 8.91
C HIS B 242 7.72 -1.35 8.34
N VAL B 243 7.01 -0.38 7.78
CA VAL B 243 7.59 0.78 7.14
C VAL B 243 8.53 1.59 8.03
N PHE B 244 8.16 1.90 9.23
CA PHE B 244 8.99 2.70 10.15
C PHE B 244 10.33 1.99 10.38
N ARG B 245 10.31 0.68 10.63
CA ARG B 245 11.56 -0.01 10.80
C ARG B 245 12.45 0.12 9.58
N LEU B 246 11.90 0.21 8.37
CA LEU B 246 12.83 0.23 7.21
C LEU B 246 13.12 1.61 6.65
N LYS B 247 12.64 2.59 7.36
CA LYS B 247 12.72 3.97 7.10
C LYS B 247 14.14 4.47 6.90
N LYS B 248 15.06 4.08 7.79
CA LYS B 248 16.43 4.65 7.51
C LYS B 248 16.83 4.21 6.10
N TRP B 249 16.54 2.96 5.77
CA TRP B 249 16.90 2.48 4.44
C TRP B 249 16.26 3.39 3.38
N ILE B 250 15.02 3.77 3.63
CA ILE B 250 14.24 4.65 2.77
C ILE B 250 14.91 6.02 2.60
N GLN B 251 15.30 6.61 3.66
CA GLN B 251 15.95 7.92 3.73
C GLN B 251 17.23 7.87 2.89
N LYS B 252 17.98 6.81 3.24
CA LYS B 252 19.25 6.59 2.56
C LYS B 252 19.13 6.68 1.06
N VAL B 253 18.33 5.85 0.43
CA VAL B 253 18.18 5.87 -1.02
C VAL B 253 17.58 7.16 -1.52
N ILE B 254 16.86 7.94 -0.74
CA ILE B 254 16.27 9.15 -1.38
C ILE B 254 17.27 10.29 -1.49
N ASP B 255 18.13 10.38 -0.51
CA ASP B 255 19.10 11.49 -0.55
C ASP B 255 20.42 10.98 -1.08
N GLN B 256 20.41 9.89 -1.83
CA GLN B 256 21.57 9.26 -2.45
C GLN B 256 21.50 9.56 -3.96
N PHE B 257 20.29 9.17 -4.42
CA PHE B 257 20.06 9.35 -5.88
C PHE B 257 18.64 9.82 -6.14
N GLY B 258 18.12 10.69 -5.29
CA GLY B 258 16.69 11.01 -5.55
C GLY B 258 16.30 12.44 -5.45
N GLU B 259 14.98 12.57 -5.25
CA GLU B 259 14.28 13.87 -5.19
C GLU B 259 14.48 14.78 -4.00
N ASP C 3 -10.12 -7.20 -21.50
CA ASP C 3 -10.59 -6.62 -20.21
C ASP C 3 -9.93 -5.25 -19.97
N PHE C 4 -8.61 -5.25 -19.84
CA PHE C 4 -7.94 -3.94 -19.64
C PHE C 4 -8.22 -3.07 -20.87
N GLU C 5 -8.40 -1.77 -20.66
CA GLU C 5 -8.58 -0.85 -21.83
C GLU C 5 -7.13 -0.71 -22.33
N GLU C 6 -6.88 0.00 -23.39
CA GLU C 6 -5.50 0.19 -23.92
C GLU C 6 -5.10 1.62 -23.54
N ILE C 7 -3.81 1.77 -23.37
CA ILE C 7 -3.27 3.10 -23.02
C ILE C 7 -2.48 3.61 -24.22
N PRO C 8 -2.36 4.92 -24.32
CA PRO C 8 -1.55 5.56 -25.37
C PRO C 8 -0.11 5.02 -25.37
N GLU C 9 0.41 4.68 -26.58
CA GLU C 9 1.77 4.12 -26.62
C GLU C 9 2.77 5.27 -26.57
N GLU C 10 2.16 6.37 -26.11
CA GLU C 10 3.03 7.56 -25.86
C GLU C 10 3.75 7.08 -24.56
N LEU C 12 3.33 3.35 -23.91
CA LEU C 12 3.91 2.00 -24.19
C LEU C 12 5.21 2.47 -24.89
#